data_7WWX
#
_entry.id   7WWX
#
_cell.length_a   86.509
_cell.length_b   83.562
_cell.length_c   81.927
_cell.angle_alpha   90.000
_cell.angle_beta   113.040
_cell.angle_gamma   90.000
#
_symmetry.space_group_name_H-M   'C 1 2 1'
#
loop_
_entity.id
_entity.type
_entity.pdbx_description
1 polymer 'NAD(P)-dependent dehydrogenase (Short-subunit alcohol dehydrogenase family)'
2 non-polymer NICOTINAMIDE-ADENINE-DINUCLEOTIDE
3 non-polymer DI(HYDROXYETHYL)ETHER
4 water water
#
_entity_poly.entity_id   1
_entity_poly.type   'polypeptide(L)'
_entity_poly.pdbx_seq_one_letter_code
;MRGSHHHHHHGSSNTPQNVQLANFPSLKGKRVFITGGGTGIGAAIVEAFAQQGAHVAFVDIATEASEALCNDIAAAGHPK
PLFRHCDLRDIPAFQATIAELQGQLGDFDVLVNNAANDQRHKLEEVTLEYWNDRIAINQRPSFFAVQSVVEGMKRRGGGS
IINFSSISWHQSGGGFPVYTTAKASTLGLTRGLARDLGPHKIRVNTVTPGWVMTERQIKLWLDEEGKKAIARNQCLQGDL
LPWHLARMVLFLAADDSAMCTAQEFIVDAGWV
;
_entity_poly.pdbx_strand_id   A,B
#
loop_
_chem_comp.id
_chem_comp.type
_chem_comp.name
_chem_comp.formula
NAD non-polymer NICOTINAMIDE-ADENINE-DINUCLEOTIDE 'C21 H27 N7 O14 P2'
PEG non-polymer DI(HYDROXYETHYL)ETHER 'C4 H10 O3'
#
# COMPACT_ATOMS: atom_id res chain seq x y z
N VAL A 19 2.61 -8.71 18.39
CA VAL A 19 2.98 -7.78 17.29
C VAL A 19 2.65 -6.35 17.70
N GLN A 20 3.49 -5.38 17.28
CA GLN A 20 3.40 -3.96 17.72
C GLN A 20 2.94 -3.08 16.55
N LEU A 21 1.64 -2.83 16.47
CA LEU A 21 1.03 -2.23 15.27
C LEU A 21 0.97 -0.71 15.37
N ALA A 22 0.83 -0.10 14.21
CA ALA A 22 0.96 1.36 14.04
C ALA A 22 -0.18 2.10 14.75
N ASN A 23 0.15 3.31 15.14
CA ASN A 23 -0.83 4.35 15.51
C ASN A 23 -0.84 5.42 14.43
N PHE A 24 -2.03 5.85 14.05
CA PHE A 24 -2.27 6.87 13.03
C PHE A 24 -2.99 8.01 13.72
N PRO A 25 -2.25 9.01 14.23
CA PRO A 25 -2.88 10.10 14.99
C PRO A 25 -3.93 10.82 14.14
N SER A 26 -3.78 10.84 12.81
CA SER A 26 -4.70 11.57 11.90
C SER A 26 -6.07 10.90 11.87
N LEU A 27 -6.22 9.67 12.37
CA LEU A 27 -7.53 8.99 12.36
C LEU A 27 -8.35 9.29 13.63
N LYS A 28 -7.73 9.81 14.68
CA LYS A 28 -8.46 10.18 15.92
C LYS A 28 -9.54 11.19 15.61
N GLY A 29 -10.78 10.85 15.96
CA GLY A 29 -11.92 11.76 15.73
C GLY A 29 -12.53 11.69 14.33
N LYS A 30 -11.88 10.99 13.37
CA LYS A 30 -12.44 10.91 12.02
C LYS A 30 -13.71 10.07 12.04
N ARG A 31 -14.65 10.41 11.17
CA ARG A 31 -15.92 9.71 11.05
C ARG A 31 -15.78 8.71 9.89
N VAL A 32 -16.05 7.46 10.19
CA VAL A 32 -15.74 6.33 9.26
C VAL A 32 -17.00 5.51 9.06
N PHE A 33 -17.40 5.31 7.82
CA PHE A 33 -18.54 4.43 7.52
C PHE A 33 -18.04 3.18 6.79
N ILE A 34 -18.50 2.01 7.22
CA ILE A 34 -18.07 0.69 6.71
C ILE A 34 -19.28 -0.12 6.35
N THR A 35 -19.29 -0.74 5.17
CA THR A 35 -20.35 -1.70 4.81
C THR A 35 -19.94 -3.09 5.21
N GLY A 36 -20.91 -3.86 5.69
CA GLY A 36 -20.60 -5.22 6.10
C GLY A 36 -19.59 -5.29 7.24
N GLY A 37 -19.78 -4.47 8.27
CA GLY A 37 -18.79 -4.35 9.35
C GLY A 37 -18.99 -5.30 10.51
N GLY A 38 -20.01 -6.17 10.48
CA GLY A 38 -20.36 -7.00 11.66
C GLY A 38 -19.52 -8.24 11.84
N THR A 39 -18.92 -8.78 10.77
CA THR A 39 -18.23 -10.08 10.81
C THR A 39 -17.07 -10.06 9.80
N GLY A 40 -16.17 -11.02 9.88
CA GLY A 40 -15.18 -11.19 8.81
C GLY A 40 -14.20 -10.04 8.78
N ILE A 41 -13.79 -9.70 7.56
CA ILE A 41 -12.81 -8.61 7.40
C ILE A 41 -13.43 -7.28 7.90
N GLY A 42 -14.69 -7.04 7.59
CA GLY A 42 -15.40 -5.85 8.03
C GLY A 42 -15.26 -5.58 9.52
N ALA A 43 -15.43 -6.64 10.31
CA ALA A 43 -15.35 -6.50 11.79
C ALA A 43 -13.93 -6.12 12.20
N ALA A 44 -12.90 -6.69 11.54
CA ALA A 44 -11.51 -6.32 11.85
C ALA A 44 -11.26 -4.84 11.51
N ILE A 45 -11.85 -4.34 10.43
CA ILE A 45 -11.70 -2.92 10.03
C ILE A 45 -12.43 -2.03 11.04
N VAL A 46 -13.65 -2.41 11.43
CA VAL A 46 -14.35 -1.64 12.50
C VAL A 46 -13.47 -1.54 13.74
N GLU A 47 -13.00 -2.67 14.22
CA GLU A 47 -12.18 -2.69 15.44
C GLU A 47 -10.93 -1.86 15.26
N ALA A 48 -10.21 -2.00 14.12
CA ALA A 48 -8.95 -1.28 13.90
C ALA A 48 -9.20 0.24 13.95
N PHE A 49 -10.26 0.72 13.31
CA PHE A 49 -10.50 2.17 13.28
C PHE A 49 -10.86 2.64 14.70
N ALA A 50 -11.68 1.87 15.40
CA ALA A 50 -12.10 2.29 16.78
C ALA A 50 -10.88 2.34 17.68
N GLN A 51 -9.91 1.44 17.51
CA GLN A 51 -8.68 1.44 18.32
C GLN A 51 -7.85 2.68 18.04
N GLN A 52 -8.00 3.29 16.88
CA GLN A 52 -7.35 4.59 16.55
C GLN A 52 -8.10 5.79 17.12
N GLY A 53 -9.26 5.56 17.73
CA GLY A 53 -10.06 6.68 18.23
C GLY A 53 -11.01 7.25 17.20
N ALA A 54 -11.19 6.61 16.04
CA ALA A 54 -12.17 7.08 15.06
C ALA A 54 -13.57 6.78 15.58
N HIS A 55 -14.52 7.56 15.09
CA HIS A 55 -15.96 7.39 15.32
C HIS A 55 -16.51 6.59 14.13
N VAL A 56 -16.76 5.33 14.36
CA VAL A 56 -17.14 4.37 13.30
C VAL A 56 -18.66 4.23 13.31
N ALA A 57 -19.21 4.04 12.13
CA ALA A 57 -20.60 3.56 11.93
C ALA A 57 -20.52 2.45 10.89
N PHE A 58 -21.38 1.46 11.00
CA PHE A 58 -21.42 0.40 9.97
C PHE A 58 -22.81 -0.17 9.81
N VAL A 59 -23.08 -0.74 8.65
CA VAL A 59 -24.32 -1.48 8.38
C VAL A 59 -23.96 -2.95 8.21
N ASP A 60 -24.91 -3.80 8.54
CA ASP A 60 -24.82 -5.26 8.35
C ASP A 60 -26.24 -5.81 8.51
N ILE A 61 -26.43 -7.04 8.09
CA ILE A 61 -27.68 -7.79 8.39
C ILE A 61 -27.47 -8.75 9.54
N ALA A 62 -26.24 -8.93 10.03
CA ALA A 62 -25.94 -9.91 11.11
C ALA A 62 -26.07 -9.18 12.46
N THR A 63 -27.29 -8.99 12.95
CA THR A 63 -27.59 -8.13 14.10
C THR A 63 -26.83 -8.59 15.34
N GLU A 64 -26.94 -9.87 15.71
CA GLU A 64 -26.36 -10.37 16.99
C GLU A 64 -24.84 -10.16 16.98
N ALA A 65 -24.16 -10.56 15.91
CA ALA A 65 -22.69 -10.44 15.82
C ALA A 65 -22.31 -8.96 15.86
N SER A 66 -23.06 -8.12 15.17
CA SER A 66 -22.77 -6.67 15.05
C SER A 66 -22.91 -5.99 16.40
N GLU A 67 -24.00 -6.28 17.13
CA GLU A 67 -24.21 -5.66 18.46
C GLU A 67 -23.11 -6.14 19.42
N ALA A 68 -22.75 -7.41 19.38
CA ALA A 68 -21.68 -7.97 20.24
C ALA A 68 -20.35 -7.29 19.91
N LEU A 69 -20.07 -7.06 18.63
CA LEU A 69 -18.80 -6.41 18.25
C LEU A 69 -18.72 -5.01 18.84
N CYS A 70 -19.82 -4.26 18.73
CA CYS A 70 -19.84 -2.87 19.25
C CYS A 70 -19.61 -2.86 20.76
N ASN A 71 -20.26 -3.80 21.47
CA ASN A 71 -20.11 -3.89 22.95
C ASN A 71 -18.66 -4.24 23.29
N ASP A 72 -18.06 -5.19 22.58
CA ASP A 72 -16.68 -5.64 22.87
C ASP A 72 -15.69 -4.49 22.65
N ILE A 73 -15.88 -3.69 21.61
CA ILE A 73 -14.96 -2.55 21.32
C ILE A 73 -15.08 -1.49 22.43
N ALA A 74 -16.32 -1.19 22.85
CA ALA A 74 -16.51 -0.22 23.95
C ALA A 74 -15.88 -0.73 25.25
N ALA A 75 -16.04 -2.02 25.52
CA ALA A 75 -15.46 -2.67 26.72
C ALA A 75 -13.95 -2.57 26.73
N ALA A 76 -13.35 -2.55 25.55
CA ALA A 76 -11.89 -2.50 25.39
C ALA A 76 -11.39 -1.06 25.52
N GLY A 77 -12.28 -0.08 25.71
CA GLY A 77 -11.86 1.30 25.95
C GLY A 77 -11.98 2.22 24.78
N HIS A 78 -12.55 1.77 23.66
CA HIS A 78 -12.60 2.59 22.43
C HIS A 78 -13.99 3.20 22.22
N PRO A 79 -14.14 4.20 21.32
CA PRO A 79 -15.44 4.75 20.99
C PRO A 79 -16.36 3.66 20.46
N LYS A 80 -17.57 3.54 20.98
CA LYS A 80 -18.53 2.52 20.54
C LYS A 80 -18.95 2.82 19.12
N PRO A 81 -18.70 1.88 18.18
CA PRO A 81 -19.23 2.05 16.84
C PRO A 81 -20.75 2.09 16.82
N LEU A 82 -21.34 2.83 15.89
CA LEU A 82 -22.80 2.84 15.66
C LEU A 82 -23.17 1.81 14.61
N PHE A 83 -23.88 0.77 15.04
CA PHE A 83 -24.41 -0.27 14.16
C PHE A 83 -25.81 0.12 13.70
N ARG A 84 -26.12 -0.06 12.42
CA ARG A 84 -27.51 -0.03 11.92
C ARG A 84 -27.75 -1.28 11.10
N HIS A 85 -28.80 -2.03 11.40
CA HIS A 85 -29.24 -3.16 10.55
C HIS A 85 -29.73 -2.58 9.23
N CYS A 86 -29.16 -3.01 8.11
CA CYS A 86 -29.64 -2.56 6.79
C CYS A 86 -29.25 -3.61 5.75
N ASP A 87 -30.22 -4.04 4.95
CA ASP A 87 -29.96 -4.90 3.78
C ASP A 87 -29.48 -4.00 2.65
N LEU A 88 -28.23 -4.20 2.23
CA LEU A 88 -27.61 -3.33 1.19
C LEU A 88 -28.31 -3.49 -0.17
N ARG A 89 -29.08 -4.53 -0.36
CA ARG A 89 -29.88 -4.67 -1.59
C ARG A 89 -30.94 -3.58 -1.70
N ASP A 90 -31.38 -3.00 -0.56
CA ASP A 90 -32.43 -1.95 -0.54
C ASP A 90 -31.74 -0.60 -0.54
N ILE A 91 -31.54 -0.05 -1.74
CA ILE A 91 -30.77 1.20 -1.90
C ILE A 91 -31.45 2.34 -1.19
N PRO A 92 -32.79 2.56 -1.32
CA PRO A 92 -33.40 3.68 -0.59
C PRO A 92 -33.22 3.55 0.94
N ALA A 93 -33.36 2.36 1.49
CA ALA A 93 -33.19 2.17 2.95
C ALA A 93 -31.71 2.43 3.32
N PHE A 94 -30.79 1.99 2.48
CA PHE A 94 -29.35 2.14 2.76
C PHE A 94 -28.98 3.62 2.75
N GLN A 95 -29.39 4.37 1.72
CA GLN A 95 -29.05 5.79 1.64
C GLN A 95 -29.73 6.53 2.82
N ALA A 96 -30.93 6.11 3.21
CA ALA A 96 -31.61 6.78 4.37
C ALA A 96 -30.80 6.50 5.64
N THR A 97 -30.31 5.27 5.78
CA THR A 97 -29.47 4.89 6.95
C THR A 97 -28.21 5.75 6.98
N ILE A 98 -27.54 5.94 5.85
CA ILE A 98 -26.28 6.72 5.86
C ILE A 98 -26.62 8.16 6.33
N ALA A 99 -27.72 8.74 5.82
CA ALA A 99 -28.10 10.13 6.13
C ALA A 99 -28.41 10.22 7.64
N GLU A 100 -29.09 9.22 8.17
CA GLU A 100 -29.42 9.22 9.62
C GLU A 100 -28.14 9.15 10.43
N LEU A 101 -27.16 8.33 10.01
CA LEU A 101 -25.89 8.21 10.77
C LEU A 101 -25.09 9.49 10.64
N GLN A 102 -25.11 10.16 9.49
CA GLN A 102 -24.47 11.49 9.32
C GLN A 102 -25.10 12.46 10.32
N GLY A 103 -26.42 12.36 10.54
CA GLY A 103 -27.10 13.20 11.56
C GLY A 103 -26.55 12.96 12.97
N GLN A 104 -26.04 11.77 13.27
CA GLN A 104 -25.54 11.42 14.62
C GLN A 104 -24.06 11.79 14.75
N LEU A 105 -23.24 11.49 13.74
CA LEU A 105 -21.76 11.56 13.89
C LEU A 105 -21.21 12.79 13.20
N GLY A 106 -21.98 13.42 12.33
CA GLY A 106 -21.51 14.46 11.40
C GLY A 106 -21.04 13.83 10.07
N ASP A 107 -20.55 14.66 9.20
CA ASP A 107 -20.11 14.22 7.84
C ASP A 107 -19.01 13.18 8.01
N PHE A 108 -19.03 12.19 7.11
CA PHE A 108 -17.98 11.14 7.07
C PHE A 108 -16.74 11.66 6.37
N ASP A 109 -15.62 11.21 6.89
CA ASP A 109 -14.26 11.41 6.33
C ASP A 109 -13.80 10.21 5.49
N VAL A 110 -14.28 9.03 5.86
CA VAL A 110 -13.75 7.75 5.30
C VAL A 110 -14.93 6.87 4.99
N LEU A 111 -14.91 6.25 3.81
CA LEU A 111 -15.87 5.20 3.41
C LEU A 111 -15.10 3.95 3.08
N VAL A 112 -15.51 2.84 3.65
CA VAL A 112 -14.96 1.52 3.31
C VAL A 112 -16.05 0.66 2.75
N ASN A 113 -15.98 0.38 1.46
CA ASN A 113 -16.91 -0.52 0.74
C ASN A 113 -16.35 -1.93 0.87
N ASN A 114 -16.75 -2.63 1.91
CA ASN A 114 -16.24 -3.99 2.25
C ASN A 114 -17.25 -5.09 1.93
N ALA A 115 -18.53 -4.87 2.10
CA ALA A 115 -19.49 -5.96 2.10
C ALA A 115 -19.43 -6.68 0.75
N ALA A 116 -19.62 -7.98 0.80
CA ALA A 116 -19.71 -8.86 -0.41
C ALA A 116 -20.40 -10.14 0.03
N ASN A 117 -20.63 -11.01 -0.93
CA ASN A 117 -21.02 -12.40 -0.63
C ASN A 117 -20.50 -13.30 -1.74
N ASP A 118 -19.66 -14.28 -1.41
CA ASP A 118 -18.92 -15.12 -2.38
C ASP A 118 -19.60 -16.49 -2.59
N GLN A 119 -20.90 -16.59 -2.39
CA GLN A 119 -21.64 -17.82 -2.74
C GLN A 119 -21.24 -18.32 -4.13
N ARG A 120 -20.91 -19.58 -4.25
CA ARG A 120 -20.54 -20.23 -5.51
C ARG A 120 -21.80 -20.42 -6.35
N HIS A 121 -21.62 -20.45 -7.66
CA HIS A 121 -22.73 -20.66 -8.61
C HIS A 121 -22.17 -21.06 -9.97
N LYS A 122 -22.93 -21.82 -10.74
CA LYS A 122 -22.50 -22.34 -12.08
C LYS A 122 -23.20 -21.51 -13.15
N LEU A 123 -22.47 -21.07 -14.16
CA LEU A 123 -23.01 -20.41 -15.37
C LEU A 123 -24.37 -20.99 -15.75
N GLU A 124 -24.46 -22.31 -15.93
CA GLU A 124 -25.64 -22.94 -16.58
C GLU A 124 -26.86 -22.81 -15.65
N GLU A 125 -26.69 -22.56 -14.37
CA GLU A 125 -27.82 -22.53 -13.39
C GLU A 125 -28.26 -21.13 -13.01
N VAL A 126 -27.51 -20.10 -13.37
CA VAL A 126 -27.79 -18.71 -12.95
C VAL A 126 -29.05 -18.20 -13.66
N THR A 127 -30.07 -17.86 -12.89
CA THR A 127 -31.24 -17.17 -13.43
C THR A 127 -31.01 -15.67 -13.54
N LEU A 128 -31.88 -15.00 -14.26
CA LEU A 128 -31.95 -13.53 -14.26
C LEU A 128 -32.03 -12.99 -12.83
N GLU A 129 -32.96 -13.52 -12.02
CA GLU A 129 -33.17 -13.04 -10.65
C GLU A 129 -31.87 -13.26 -9.84
N TYR A 130 -31.23 -14.41 -9.96
CA TYR A 130 -30.01 -14.69 -9.18
C TYR A 130 -28.88 -13.72 -9.60
N TRP A 131 -28.71 -13.53 -10.89
CA TRP A 131 -27.68 -12.58 -11.40
C TRP A 131 -27.93 -11.19 -10.83
N ASN A 132 -29.15 -10.70 -10.96
CA ASN A 132 -29.52 -9.39 -10.40
C ASN A 132 -29.18 -9.34 -8.91
N ASP A 133 -29.48 -10.39 -8.16
CA ASP A 133 -29.28 -10.38 -6.68
C ASP A 133 -27.77 -10.37 -6.38
N ARG A 134 -26.98 -11.10 -7.16
CA ARG A 134 -25.52 -11.12 -6.97
C ARG A 134 -24.98 -9.67 -7.13
N ILE A 135 -25.45 -8.96 -8.13
CA ILE A 135 -24.96 -7.60 -8.41
C ILE A 135 -25.52 -6.65 -7.33
N ALA A 136 -26.77 -6.87 -6.91
CA ALA A 136 -27.36 -6.03 -5.85
C ALA A 136 -26.56 -6.15 -4.55
N ILE A 137 -25.96 -7.29 -4.28
CA ILE A 137 -25.17 -7.48 -3.02
C ILE A 137 -23.74 -7.01 -3.23
N ASN A 138 -23.13 -7.38 -4.35
CA ASN A 138 -21.64 -7.33 -4.50
C ASN A 138 -21.19 -6.06 -5.22
N GLN A 139 -22.04 -5.38 -5.97
CA GLN A 139 -21.59 -4.28 -6.87
C GLN A 139 -22.37 -3.00 -6.65
N ARG A 140 -23.70 -3.08 -6.63
CA ARG A 140 -24.48 -1.83 -6.57
C ARG A 140 -24.26 -1.03 -5.29
N PRO A 141 -24.15 -1.62 -4.07
CA PRO A 141 -24.13 -0.80 -2.86
C PRO A 141 -22.96 0.18 -2.86
N SER A 142 -21.80 -0.23 -3.39
CA SER A 142 -20.62 0.63 -3.38
C SER A 142 -20.89 1.99 -4.04
N PHE A 143 -21.56 1.96 -5.17
CA PHE A 143 -21.82 3.22 -5.90
C PHE A 143 -22.68 4.17 -5.06
N PHE A 144 -23.75 3.63 -4.48
CA PHE A 144 -24.72 4.47 -3.74
C PHE A 144 -24.12 4.92 -2.41
N ALA A 145 -23.21 4.14 -1.82
CA ALA A 145 -22.48 4.57 -0.62
C ALA A 145 -21.64 5.79 -0.92
N VAL A 146 -20.92 5.78 -2.05
CA VAL A 146 -20.13 6.94 -2.49
C VAL A 146 -21.09 8.11 -2.68
N GLN A 147 -22.18 7.90 -3.40
CA GLN A 147 -23.12 9.03 -3.67
C GLN A 147 -23.57 9.66 -2.35
N SER A 148 -23.81 8.84 -1.34
CA SER A 148 -24.34 9.28 -0.03
C SER A 148 -23.30 10.04 0.75
N VAL A 149 -22.01 9.81 0.59
CA VAL A 149 -21.01 10.43 1.52
C VAL A 149 -20.29 11.61 0.88
N VAL A 150 -20.29 11.79 -0.45
CA VAL A 150 -19.37 12.74 -1.09
C VAL A 150 -19.70 14.19 -0.68
N GLU A 151 -20.96 14.57 -0.52
CA GLU A 151 -21.20 16.02 -0.18
C GLU A 151 -20.62 16.35 1.19
N GLY A 152 -20.71 15.41 2.13
CA GLY A 152 -20.10 15.61 3.45
C GLY A 152 -18.58 15.64 3.40
N MET A 153 -17.99 14.79 2.55
CA MET A 153 -16.52 14.79 2.42
C MET A 153 -16.10 16.13 1.83
N LYS A 154 -16.86 16.69 0.89
CA LYS A 154 -16.51 18.05 0.37
C LYS A 154 -16.57 19.08 1.50
N ARG A 155 -17.60 19.00 2.34
CA ARG A 155 -17.70 19.94 3.50
C ARG A 155 -16.53 19.75 4.45
N ARG A 156 -16.00 18.52 4.61
CA ARG A 156 -14.85 18.24 5.49
C ARG A 156 -13.50 18.57 4.84
N GLY A 157 -13.47 18.96 3.57
CA GLY A 157 -12.24 19.33 2.85
C GLY A 157 -11.49 18.13 2.26
N GLY A 158 -12.18 16.99 2.13
CA GLY A 158 -11.58 15.83 1.46
C GLY A 158 -12.01 14.57 2.14
N GLY A 159 -11.40 13.46 1.72
CA GLY A 159 -11.81 12.19 2.30
C GLY A 159 -11.12 11.06 1.59
N SER A 160 -11.40 9.85 2.08
CA SER A 160 -10.78 8.63 1.50
C SER A 160 -11.80 7.52 1.40
N ILE A 161 -11.87 6.93 0.21
CA ILE A 161 -12.81 5.84 -0.15
C ILE A 161 -11.97 4.64 -0.50
N ILE A 162 -12.27 3.54 0.15
CA ILE A 162 -11.55 2.28 -0.02
C ILE A 162 -12.57 1.26 -0.51
N ASN A 163 -12.35 0.70 -1.67
CA ASN A 163 -13.29 -0.26 -2.30
C ASN A 163 -12.62 -1.63 -2.40
N PHE A 164 -13.28 -2.68 -1.97
CA PHE A 164 -12.69 -4.06 -1.92
C PHE A 164 -12.92 -4.82 -3.21
N SER A 165 -11.83 -5.27 -3.80
CA SER A 165 -11.84 -6.28 -4.89
C SER A 165 -11.48 -7.63 -4.28
N SER A 166 -10.87 -8.51 -5.05
CA SER A 166 -10.55 -9.88 -4.63
C SER A 166 -9.49 -10.41 -5.55
N ILE A 167 -8.64 -11.30 -5.06
CA ILE A 167 -7.71 -12.02 -5.97
C ILE A 167 -8.50 -12.97 -6.88
N SER A 168 -9.77 -13.25 -6.59
CA SER A 168 -10.54 -14.26 -7.36
C SER A 168 -10.42 -13.99 -8.86
N TRP A 169 -10.60 -12.74 -9.33
CA TRP A 169 -10.61 -12.49 -10.78
C TRP A 169 -9.16 -12.49 -11.29
N HIS A 170 -8.21 -12.05 -10.48
CA HIS A 170 -6.78 -12.12 -10.84
C HIS A 170 -6.33 -13.54 -11.04
N GLN A 171 -6.89 -14.47 -10.30
CA GLN A 171 -6.45 -15.88 -10.39
C GLN A 171 -7.28 -16.64 -11.44
N SER A 172 -8.14 -15.98 -12.21
CA SER A 172 -9.14 -16.67 -13.05
C SER A 172 -9.82 -17.76 -12.23
N GLY A 173 -10.36 -17.39 -11.07
CA GLY A 173 -10.96 -18.40 -10.21
C GLY A 173 -12.28 -18.92 -10.78
N GLY A 174 -12.44 -20.23 -10.72
CA GLY A 174 -13.66 -20.87 -11.21
C GLY A 174 -14.72 -20.95 -10.11
N GLY A 175 -15.90 -21.30 -10.56
CA GLY A 175 -16.98 -21.64 -9.65
C GLY A 175 -17.82 -20.45 -9.17
N PHE A 176 -17.66 -19.25 -9.71
CA PHE A 176 -18.51 -18.12 -9.34
C PHE A 176 -18.35 -16.93 -10.29
N PRO A 177 -18.74 -17.09 -11.55
CA PRO A 177 -18.44 -16.06 -12.56
C PRO A 177 -19.13 -14.73 -12.34
N VAL A 178 -20.27 -14.65 -11.66
CA VAL A 178 -20.93 -13.34 -11.40
C VAL A 178 -20.13 -12.67 -10.28
N TYR A 179 -19.57 -13.44 -9.36
CA TYR A 179 -18.73 -12.87 -8.28
C TYR A 179 -17.45 -12.29 -8.90
N THR A 180 -16.76 -13.05 -9.75
CA THR A 180 -15.54 -12.51 -10.38
C THR A 180 -15.91 -11.26 -11.15
N THR A 181 -17.03 -11.24 -11.87
CA THR A 181 -17.48 -10.07 -12.63
C THR A 181 -17.58 -8.87 -11.69
N ALA A 182 -18.27 -9.01 -10.56
CA ALA A 182 -18.51 -7.91 -9.62
C ALA A 182 -17.19 -7.48 -8.97
N LYS A 183 -16.32 -8.42 -8.67
CA LYS A 183 -15.05 -8.07 -8.00
C LYS A 183 -14.11 -7.34 -8.95
N ALA A 184 -14.08 -7.67 -10.22
CA ALA A 184 -13.30 -6.91 -11.22
C ALA A 184 -13.91 -5.52 -11.40
N SER A 185 -15.24 -5.43 -11.31
CA SER A 185 -15.92 -4.14 -11.54
C SER A 185 -15.42 -3.07 -10.57
N THR A 186 -14.95 -3.46 -9.39
CA THR A 186 -14.48 -2.50 -8.37
C THR A 186 -13.37 -1.63 -8.93
N LEU A 187 -12.50 -2.20 -9.78
CA LEU A 187 -11.40 -1.38 -10.33
C LEU A 187 -11.93 -0.26 -11.21
N GLY A 188 -12.99 -0.50 -11.96
CA GLY A 188 -13.60 0.57 -12.76
C GLY A 188 -14.33 1.57 -11.91
N LEU A 189 -15.00 1.17 -10.86
CA LEU A 189 -15.62 2.14 -9.93
C LEU A 189 -14.54 3.00 -9.32
N THR A 190 -13.48 2.41 -8.82
CA THR A 190 -12.38 3.18 -8.19
C THR A 190 -11.83 4.20 -9.18
N ARG A 191 -11.47 3.75 -10.37
CA ARG A 191 -10.68 4.60 -11.28
C ARG A 191 -11.55 5.67 -11.90
N GLY A 192 -12.79 5.38 -12.24
CA GLY A 192 -13.66 6.48 -12.71
C GLY A 192 -13.86 7.49 -11.60
N LEU A 193 -14.12 7.06 -10.40
CA LEU A 193 -14.39 8.02 -9.30
C LEU A 193 -13.12 8.78 -8.92
N ALA A 194 -11.95 8.15 -9.00
CA ALA A 194 -10.71 8.87 -8.59
C ALA A 194 -10.56 10.15 -9.40
N ARG A 195 -10.86 10.05 -10.68
CA ARG A 195 -10.80 11.21 -11.56
C ARG A 195 -11.88 12.25 -11.19
N ASP A 196 -13.10 11.78 -11.00
CA ASP A 196 -14.28 12.65 -10.77
C ASP A 196 -14.10 13.35 -9.42
N LEU A 197 -13.57 12.67 -8.40
CA LEU A 197 -13.58 13.20 -7.00
C LEU A 197 -12.23 13.80 -6.61
N GLY A 198 -11.15 13.47 -7.29
CA GLY A 198 -9.83 14.03 -6.97
C GLY A 198 -9.80 15.56 -6.82
N PRO A 199 -10.53 16.35 -7.66
CA PRO A 199 -10.53 17.81 -7.46
C PRO A 199 -11.02 18.22 -6.08
N HIS A 200 -11.80 17.37 -5.41
CA HIS A 200 -12.33 17.66 -4.05
C HIS A 200 -11.43 17.08 -2.95
N LYS A 201 -10.23 16.59 -3.29
CA LYS A 201 -9.26 16.00 -2.34
C LYS A 201 -9.86 14.71 -1.75
N ILE A 202 -10.64 14.03 -2.55
CA ILE A 202 -11.18 12.71 -2.17
C ILE A 202 -10.36 11.65 -2.91
N ARG A 203 -9.69 10.81 -2.15
CA ARG A 203 -8.87 9.70 -2.66
C ARG A 203 -9.80 8.48 -2.80
N VAL A 204 -9.55 7.69 -3.82
CA VAL A 204 -10.36 6.47 -4.08
C VAL A 204 -9.38 5.39 -4.50
N ASN A 205 -9.31 4.32 -3.72
CA ASN A 205 -8.35 3.20 -3.95
C ASN A 205 -9.07 1.88 -3.81
N THR A 206 -8.46 0.88 -4.45
CA THR A 206 -8.93 -0.51 -4.36
C THR A 206 -8.03 -1.29 -3.42
N VAL A 207 -8.64 -2.08 -2.55
CA VAL A 207 -7.91 -3.09 -1.72
C VAL A 207 -8.33 -4.46 -2.15
N THR A 208 -7.35 -5.31 -2.39
CA THR A 208 -7.56 -6.66 -2.96
C THR A 208 -6.95 -7.70 -2.04
N PRO A 209 -7.80 -8.33 -1.23
CA PRO A 209 -7.34 -9.43 -0.38
C PRO A 209 -7.02 -10.69 -1.19
N GLY A 210 -6.08 -11.44 -0.63
CA GLY A 210 -5.88 -12.87 -0.94
C GLY A 210 -6.89 -13.71 -0.22
N TRP A 211 -6.53 -14.96 0.05
CA TRP A 211 -7.48 -15.87 0.70
C TRP A 211 -7.40 -15.71 2.21
N VAL A 212 -8.29 -14.92 2.74
CA VAL A 212 -8.27 -14.47 4.16
C VAL A 212 -8.99 -15.54 5.00
N MET A 213 -8.37 -15.99 6.09
CA MET A 213 -8.98 -17.09 6.89
C MET A 213 -9.96 -16.47 7.90
N THR A 214 -11.10 -16.00 7.39
CA THR A 214 -12.26 -15.64 8.21
C THR A 214 -12.95 -16.95 8.64
N GLU A 215 -13.82 -16.85 9.63
CA GLU A 215 -14.67 -18.02 10.04
C GLU A 215 -15.49 -18.54 8.85
N ARG A 216 -16.02 -17.64 8.03
CA ARG A 216 -16.83 -18.05 6.85
C ARG A 216 -15.95 -18.89 5.93
N GLN A 217 -14.73 -18.41 5.63
CA GLN A 217 -13.92 -19.17 4.65
C GLN A 217 -13.60 -20.57 5.21
N ILE A 218 -13.23 -20.64 6.47
CA ILE A 218 -12.87 -21.92 7.12
C ILE A 218 -14.10 -22.85 7.10
N LYS A 219 -15.27 -22.32 7.40
CA LYS A 219 -16.51 -23.14 7.53
C LYS A 219 -16.95 -23.64 6.16
N LEU A 220 -16.99 -22.79 5.13
CA LEU A 220 -17.73 -23.11 3.88
C LEU A 220 -16.82 -23.65 2.78
N TRP A 221 -15.64 -23.05 2.58
CA TRP A 221 -14.90 -23.18 1.31
C TRP A 221 -13.54 -23.85 1.49
N LEU A 222 -13.01 -23.91 2.70
CA LEU A 222 -11.63 -24.44 2.94
C LEU A 222 -11.70 -25.96 3.15
N ASP A 223 -11.01 -26.73 2.31
CA ASP A 223 -10.82 -28.20 2.50
C ASP A 223 -9.33 -28.54 2.34
N GLU A 224 -8.97 -29.82 2.43
CA GLU A 224 -7.55 -30.26 2.37
C GLU A 224 -6.94 -29.74 1.06
N GLU A 225 -7.64 -29.83 -0.07
CA GLU A 225 -7.15 -29.35 -1.39
C GLU A 225 -6.91 -27.83 -1.33
N GLY A 226 -7.80 -27.08 -0.68
CA GLY A 226 -7.65 -25.61 -0.54
C GLY A 226 -6.43 -25.30 0.28
N LYS A 227 -6.14 -26.05 1.36
CA LYS A 227 -4.92 -25.86 2.16
C LYS A 227 -3.69 -26.08 1.26
N LYS A 228 -3.70 -27.10 0.41
CA LYS A 228 -2.54 -27.37 -0.47
C LYS A 228 -2.40 -26.24 -1.49
N ALA A 229 -3.51 -25.68 -1.99
CA ALA A 229 -3.44 -24.54 -2.95
C ALA A 229 -2.84 -23.33 -2.21
N ILE A 230 -3.22 -23.06 -0.98
CA ILE A 230 -2.62 -21.91 -0.22
C ILE A 230 -1.11 -22.11 -0.13
N ALA A 231 -0.66 -23.28 0.29
CA ALA A 231 0.77 -23.55 0.51
C ALA A 231 1.55 -23.46 -0.81
N ARG A 232 0.99 -23.91 -1.91
CA ARG A 232 1.70 -23.85 -3.23
C ARG A 232 1.76 -22.38 -3.69
N ASN A 233 0.69 -21.63 -3.49
CA ASN A 233 0.56 -20.33 -4.21
C ASN A 233 1.02 -19.15 -3.36
N GLN A 234 0.82 -19.14 -2.06
CA GLN A 234 1.38 -18.07 -1.23
C GLN A 234 2.90 -18.13 -1.22
N CYS A 235 3.55 -16.97 -1.35
CA CYS A 235 5.03 -16.86 -1.14
C CYS A 235 5.34 -16.94 0.36
N LEU A 236 4.54 -16.32 1.21
CA LEU A 236 4.69 -16.37 2.68
C LEU A 236 3.74 -17.46 3.20
N GLN A 237 4.27 -18.39 3.97
CA GLN A 237 3.45 -19.44 4.58
C GLN A 237 2.66 -18.87 5.77
N GLY A 238 1.52 -19.45 6.00
CA GLY A 238 0.72 -19.10 7.19
C GLY A 238 -0.54 -18.38 6.78
N ASP A 239 -1.38 -18.07 7.77
CA ASP A 239 -2.71 -17.53 7.50
C ASP A 239 -2.60 -16.04 7.18
N LEU A 240 -3.19 -15.68 6.05
CA LEU A 240 -3.62 -14.29 5.80
C LEU A 240 -4.88 -14.07 6.65
N LEU A 241 -4.91 -13.02 7.45
CA LEU A 241 -5.94 -12.80 8.46
C LEU A 241 -6.63 -11.47 8.28
N PRO A 242 -7.83 -11.33 8.84
CA PRO A 242 -8.51 -10.05 8.72
C PRO A 242 -7.65 -8.87 9.16
N TRP A 243 -6.87 -9.00 10.22
CA TRP A 243 -6.12 -7.84 10.70
C TRP A 243 -5.12 -7.35 9.64
N HIS A 244 -4.57 -8.25 8.81
CA HIS A 244 -3.63 -7.80 7.76
C HIS A 244 -4.35 -6.85 6.83
N LEU A 245 -5.57 -7.17 6.46
CA LEU A 245 -6.31 -6.28 5.55
C LEU A 245 -6.66 -5.00 6.26
N ALA A 246 -7.08 -5.06 7.52
CA ALA A 246 -7.42 -3.85 8.27
C ALA A 246 -6.27 -2.85 8.27
N ARG A 247 -5.02 -3.30 8.39
CA ARG A 247 -3.89 -2.35 8.47
C ARG A 247 -3.78 -1.58 7.17
N MET A 248 -4.00 -2.24 6.04
CA MET A 248 -3.87 -1.56 4.74
C MET A 248 -4.97 -0.52 4.62
N VAL A 249 -6.19 -0.83 5.07
CA VAL A 249 -7.29 0.16 5.03
C VAL A 249 -7.00 1.35 5.92
N LEU A 250 -6.45 1.15 7.10
CA LEU A 250 -6.10 2.29 8.00
C LEU A 250 -5.08 3.17 7.30
N PHE A 251 -4.05 2.56 6.68
CA PHE A 251 -3.01 3.34 5.98
C PHE A 251 -3.68 4.26 4.93
N LEU A 252 -4.55 3.66 4.09
CA LEU A 252 -5.21 4.36 2.98
C LEU A 252 -6.21 5.40 3.49
N ALA A 253 -6.65 5.37 4.73
CA ALA A 253 -7.58 6.37 5.29
C ALA A 253 -6.80 7.48 5.98
N ALA A 254 -5.57 7.23 6.41
CA ALA A 254 -4.76 8.18 7.21
C ALA A 254 -4.06 9.22 6.33
N ASP A 255 -3.59 10.29 6.96
CA ASP A 255 -2.91 11.39 6.24
C ASP A 255 -1.64 10.84 5.56
N ASP A 256 -1.10 9.72 6.06
CA ASP A 256 0.14 9.13 5.55
C ASP A 256 -0.01 8.79 4.06
N SER A 257 -1.25 8.63 3.57
CA SER A 257 -1.48 8.16 2.17
C SER A 257 -2.16 9.23 1.34
N ALA A 258 -1.92 10.50 1.65
CA ALA A 258 -2.68 11.64 1.09
C ALA A 258 -2.56 11.79 -0.42
N MET A 259 -1.53 11.22 -1.02
CA MET A 259 -1.40 11.30 -2.49
C MET A 259 -1.49 9.96 -3.18
N CYS A 260 -2.05 8.96 -2.52
CA CYS A 260 -2.46 7.69 -3.17
C CYS A 260 -3.89 7.85 -3.69
N THR A 261 -4.09 7.59 -4.96
CA THR A 261 -5.45 7.49 -5.52
C THR A 261 -5.37 6.70 -6.82
N ALA A 262 -6.50 6.09 -7.12
CA ALA A 262 -6.84 5.31 -8.33
C ALA A 262 -6.24 3.91 -8.30
N GLN A 263 -5.46 3.53 -7.32
CA GLN A 263 -4.59 2.35 -7.42
C GLN A 263 -5.14 1.18 -6.63
N GLU A 264 -4.58 0.02 -6.97
CA GLU A 264 -4.93 -1.28 -6.36
C GLU A 264 -3.81 -1.70 -5.39
N PHE A 265 -4.20 -2.03 -4.17
CA PHE A 265 -3.29 -2.44 -3.08
C PHE A 265 -3.63 -3.89 -2.78
N ILE A 266 -2.72 -4.79 -3.14
CA ILE A 266 -2.95 -6.24 -3.02
C ILE A 266 -2.26 -6.74 -1.76
N VAL A 267 -3.04 -7.37 -0.90
CA VAL A 267 -2.60 -7.91 0.40
C VAL A 267 -2.94 -9.38 0.37
N ASP A 268 -2.00 -10.21 -0.10
CA ASP A 268 -2.37 -11.57 -0.53
C ASP A 268 -1.27 -12.60 -0.23
N ALA A 269 -0.24 -12.22 0.50
CA ALA A 269 0.87 -13.15 0.83
C ALA A 269 1.56 -13.68 -0.44
N GLY A 270 1.46 -12.97 -1.57
CA GLY A 270 2.23 -13.28 -2.76
C GLY A 270 1.51 -14.22 -3.73
N TRP A 271 0.20 -14.43 -3.61
CA TRP A 271 -0.52 -15.36 -4.51
C TRP A 271 -0.47 -14.90 -5.97
N VAL A 272 -0.92 -13.68 -6.26
CA VAL A 272 -1.19 -13.29 -7.66
C VAL A 272 -0.18 -12.29 -8.14
N VAL B 19 -1.25 15.97 8.48
CA VAL B 19 0.00 16.61 9.05
C VAL B 19 0.44 15.87 10.33
N GLN B 20 -0.37 14.92 10.86
CA GLN B 20 -0.04 14.08 12.05
C GLN B 20 0.20 12.62 11.62
N LEU B 21 1.44 12.33 11.31
CA LEU B 21 1.79 11.09 10.59
C LEU B 21 1.99 9.94 11.56
N ALA B 22 1.97 8.74 11.03
CA ALA B 22 1.89 7.52 11.82
C ALA B 22 3.19 7.26 12.59
N ASN B 23 3.01 6.55 13.70
CA ASN B 23 4.13 5.92 14.41
C ASN B 23 4.00 4.40 14.25
N PHE B 24 5.11 3.75 13.95
CA PHE B 24 5.22 2.29 13.72
C PHE B 24 6.13 1.73 14.80
N PRO B 25 5.58 1.32 15.95
CA PRO B 25 6.44 0.89 17.05
C PRO B 25 7.35 -0.28 16.68
N SER B 26 6.92 -1.11 15.72
CA SER B 26 7.69 -2.29 15.28
C SER B 26 9.00 -1.87 14.60
N LEU B 27 9.15 -0.62 14.20
CA LEU B 27 10.39 -0.17 13.53
C LEU B 27 11.48 0.28 14.52
N LYS B 28 11.12 0.56 15.76
CA LYS B 28 12.11 1.03 16.75
C LYS B 28 13.20 -0.03 16.90
N GLY B 29 14.47 0.36 16.78
CA GLY B 29 15.58 -0.60 16.93
C GLY B 29 15.84 -1.45 15.71
N LYS B 30 14.97 -1.43 14.68
CA LYS B 30 15.27 -2.19 13.45
C LYS B 30 16.49 -1.63 12.72
N ARG B 31 17.23 -2.50 12.05
CA ARG B 31 18.42 -2.12 11.27
C ARG B 31 17.97 -1.97 9.82
N VAL B 32 18.22 -0.82 9.24
CA VAL B 32 17.67 -0.48 7.90
C VAL B 32 18.82 -0.05 7.00
N PHE B 33 18.95 -0.62 5.83
CA PHE B 33 19.96 -0.19 4.84
C PHE B 33 19.24 0.39 3.63
N ILE B 34 19.66 1.57 3.18
CA ILE B 34 19.05 2.31 2.06
C ILE B 34 20.12 2.65 1.03
N THR B 35 19.87 2.38 -0.26
CA THR B 35 20.76 2.88 -1.32
C THR B 35 20.32 4.26 -1.75
N GLY B 36 21.29 5.09 -2.13
CA GLY B 36 21.01 6.44 -2.58
C GLY B 36 20.23 7.23 -1.54
N GLY B 37 20.66 7.16 -0.27
CA GLY B 37 19.89 7.80 0.82
C GLY B 37 20.26 9.26 1.09
N GLY B 38 21.18 9.86 0.33
CA GLY B 38 21.68 11.22 0.65
C GLY B 38 20.82 12.39 0.20
N THR B 39 19.98 12.18 -0.83
CA THR B 39 19.21 13.29 -1.45
C THR B 39 17.87 12.73 -1.94
N GLY B 40 16.97 13.60 -2.30
CA GLY B 40 15.73 13.19 -2.98
C GLY B 40 14.91 12.28 -2.12
N ILE B 41 14.26 11.32 -2.79
CA ILE B 41 13.36 10.38 -2.04
C ILE B 41 14.15 9.57 -0.99
N GLY B 42 15.33 9.14 -1.34
CA GLY B 42 16.20 8.39 -0.40
C GLY B 42 16.42 9.12 0.93
N ALA B 43 16.66 10.42 0.85
CA ALA B 43 16.88 11.24 2.06
C ALA B 43 15.60 11.26 2.89
N ALA B 44 14.42 11.38 2.26
CA ALA B 44 13.15 11.36 3.00
C ALA B 44 12.94 10.01 3.69
N ILE B 45 13.33 8.93 3.04
CA ILE B 45 13.22 7.57 3.62
C ILE B 45 14.18 7.43 4.81
N VAL B 46 15.40 7.86 4.66
CA VAL B 46 16.39 7.86 5.79
C VAL B 46 15.81 8.64 6.97
N GLU B 47 15.31 9.84 6.75
CA GLU B 47 14.75 10.67 7.83
C GLU B 47 13.56 9.93 8.45
N ALA B 48 12.64 9.42 7.62
CA ALA B 48 11.41 8.81 8.15
C ALA B 48 11.75 7.61 9.04
N PHE B 49 12.70 6.78 8.64
CA PHE B 49 13.08 5.61 9.47
C PHE B 49 13.72 6.09 10.79
N ALA B 50 14.62 7.05 10.69
CA ALA B 50 15.29 7.56 11.93
C ALA B 50 14.24 8.11 12.88
N GLN B 51 13.23 8.82 12.38
CA GLN B 51 12.16 9.39 13.23
C GLN B 51 11.41 8.29 13.97
N GLN B 52 11.31 7.08 13.42
CA GLN B 52 10.69 5.93 14.06
C GLN B 52 11.62 5.21 15.04
N GLY B 53 12.85 5.68 15.17
CA GLY B 53 13.80 5.07 16.12
C GLY B 53 14.55 3.92 15.48
N ALA B 54 14.48 3.70 14.16
CA ALA B 54 15.31 2.68 13.50
C ALA B 54 16.75 3.15 13.46
N HIS B 55 17.65 2.20 13.32
CA HIS B 55 19.10 2.38 13.11
C HIS B 55 19.33 2.25 11.61
N VAL B 56 19.60 3.36 10.99
CA VAL B 56 19.72 3.46 9.52
C VAL B 56 21.20 3.48 9.13
N ALA B 57 21.51 2.81 8.03
CA ALA B 57 22.77 3.01 7.30
C ALA B 57 22.42 3.25 5.85
N PHE B 58 23.17 4.08 5.15
CA PHE B 58 22.91 4.30 3.69
C PHE B 58 24.20 4.59 2.96
N VAL B 59 24.20 4.35 1.67
CA VAL B 59 25.33 4.66 0.75
C VAL B 59 24.81 5.73 -0.21
N ASP B 60 25.74 6.53 -0.70
CA ASP B 60 25.51 7.56 -1.73
C ASP B 60 26.90 7.99 -2.22
N ILE B 61 26.90 8.69 -3.33
CA ILE B 61 28.09 9.42 -3.88
C ILE B 61 28.06 10.89 -3.48
N ALA B 62 26.92 11.43 -3.04
CA ALA B 62 26.73 12.85 -2.69
C ALA B 62 27.19 13.08 -1.24
N THR B 63 28.51 13.12 -1.04
CA THR B 63 29.12 13.16 0.31
C THR B 63 28.64 14.35 1.14
N GLU B 64 28.69 15.59 0.64
CA GLU B 64 28.36 16.75 1.49
C GLU B 64 26.89 16.70 1.86
N ALA B 65 26.00 16.40 0.90
CA ALA B 65 24.57 16.34 1.19
C ALA B 65 24.29 15.22 2.22
N SER B 66 24.94 14.07 2.10
CA SER B 66 24.73 12.90 2.97
C SER B 66 25.18 13.17 4.41
N GLU B 67 26.34 13.82 4.55
CA GLU B 67 26.86 14.17 5.89
C GLU B 67 25.94 15.21 6.54
N ALA B 68 25.51 16.19 5.76
CA ALA B 68 24.57 17.22 6.26
C ALA B 68 23.28 16.57 6.76
N LEU B 69 22.75 15.61 5.99
CA LEU B 69 21.47 14.97 6.34
C LEU B 69 21.62 14.21 7.66
N CYS B 70 22.75 13.54 7.84
CA CYS B 70 22.96 12.75 9.07
C CYS B 70 23.00 13.74 10.27
N ASN B 71 23.69 14.87 10.10
CA ASN B 71 23.78 15.89 11.19
C ASN B 71 22.39 16.46 11.47
N ASP B 72 21.59 16.73 10.43
CA ASP B 72 20.24 17.33 10.62
C ASP B 72 19.37 16.35 11.41
N ILE B 73 19.45 15.07 11.07
CA ILE B 73 18.65 14.03 11.74
C ILE B 73 19.10 13.91 13.22
N ALA B 74 20.40 13.89 13.42
CA ALA B 74 20.94 13.85 14.81
C ALA B 74 20.43 15.09 15.58
N ALA B 75 20.44 16.27 14.98
CA ALA B 75 20.00 17.52 15.64
C ALA B 75 18.50 17.47 15.96
N ALA B 76 17.73 16.72 15.19
CA ALA B 76 16.29 16.56 15.47
C ALA B 76 16.05 15.55 16.60
N GLY B 77 17.08 14.90 17.16
CA GLY B 77 16.93 14.00 18.31
C GLY B 77 16.77 12.54 17.99
N HIS B 78 16.96 12.14 16.73
CA HIS B 78 16.81 10.74 16.31
C HIS B 78 18.15 10.02 16.25
N PRO B 79 18.16 8.67 16.20
CA PRO B 79 19.38 7.90 16.02
C PRO B 79 20.08 8.34 14.74
N LYS B 80 21.35 8.69 14.83
CA LYS B 80 22.11 9.25 13.70
C LYS B 80 22.41 8.17 12.68
N PRO B 81 21.92 8.34 11.43
CA PRO B 81 22.22 7.36 10.41
C PRO B 81 23.73 7.24 10.16
N LEU B 82 24.19 6.06 9.78
CA LEU B 82 25.56 5.83 9.29
C LEU B 82 25.61 5.99 7.79
N PHE B 83 26.38 6.95 7.33
CA PHE B 83 26.65 7.18 5.89
C PHE B 83 27.96 6.55 5.48
N ARG B 84 27.99 5.89 4.33
CA ARG B 84 29.26 5.51 3.68
C ARG B 84 29.24 5.97 2.23
N HIS B 85 30.29 6.64 1.77
CA HIS B 85 30.41 6.97 0.35
C HIS B 85 30.67 5.67 -0.40
N CYS B 86 29.91 5.43 -1.44
CA CYS B 86 30.12 4.24 -2.29
C CYS B 86 29.47 4.48 -3.64
N ASP B 87 30.23 4.25 -4.71
CA ASP B 87 29.72 4.18 -6.09
C ASP B 87 29.13 2.79 -6.31
N LEU B 88 27.80 2.74 -6.43
CA LEU B 88 27.05 1.47 -6.58
C LEU B 88 27.46 0.74 -7.85
N ARG B 89 28.12 1.42 -8.79
CA ARG B 89 28.63 0.72 -10.01
C ARG B 89 29.73 -0.29 -9.65
N ASP B 90 30.39 -0.08 -8.52
CA ASP B 90 31.50 -0.97 -8.04
C ASP B 90 30.93 -2.01 -7.08
N ILE B 91 30.50 -3.15 -7.63
CA ILE B 91 29.82 -4.19 -6.82
C ILE B 91 30.72 -4.69 -5.69
N PRO B 92 32.01 -5.05 -5.93
CA PRO B 92 32.82 -5.51 -4.79
C PRO B 92 32.91 -4.48 -3.65
N ALA B 93 33.09 -3.22 -3.99
CA ALA B 93 33.22 -2.15 -3.00
C ALA B 93 31.89 -2.00 -2.24
N PHE B 94 30.78 -2.07 -2.99
CA PHE B 94 29.42 -1.95 -2.43
C PHE B 94 29.17 -3.10 -1.46
N GLN B 95 29.43 -4.34 -1.86
CA GLN B 95 29.22 -5.51 -0.97
C GLN B 95 30.14 -5.43 0.25
N ALA B 96 31.38 -4.94 0.10
CA ALA B 96 32.29 -4.77 1.25
C ALA B 96 31.72 -3.72 2.20
N THR B 97 31.16 -2.64 1.66
CA THR B 97 30.56 -1.56 2.47
C THR B 97 29.36 -2.11 3.28
N ILE B 98 28.49 -2.90 2.65
CA ILE B 98 27.34 -3.48 3.39
C ILE B 98 27.84 -4.38 4.53
N ALA B 99 28.86 -5.19 4.26
CA ALA B 99 29.42 -6.11 5.29
C ALA B 99 30.02 -5.29 6.44
N GLU B 100 30.67 -4.17 6.14
CA GLU B 100 31.29 -3.32 7.21
C GLU B 100 30.16 -2.68 8.01
N LEU B 101 29.06 -2.26 7.37
CA LEU B 101 27.96 -1.62 8.13
C LEU B 101 27.23 -2.66 8.96
N GLN B 102 27.07 -3.89 8.47
CA GLN B 102 26.52 -5.01 9.27
C GLN B 102 27.40 -5.23 10.50
N GLY B 103 28.71 -5.04 10.38
CA GLY B 103 29.62 -5.15 11.53
C GLY B 103 29.34 -4.11 12.59
N GLN B 104 28.83 -2.93 12.22
CA GLN B 104 28.55 -1.79 13.14
C GLN B 104 27.15 -1.93 13.73
N LEU B 105 26.14 -2.22 12.91
CA LEU B 105 24.72 -2.17 13.35
C LEU B 105 24.18 -3.56 13.69
N GLY B 106 24.83 -4.63 13.24
CA GLY B 106 24.22 -5.97 13.27
C GLY B 106 23.48 -6.29 11.98
N ASP B 107 22.92 -7.48 11.89
CA ASP B 107 22.14 -7.95 10.71
C ASP B 107 21.04 -6.94 10.40
N PHE B 108 20.84 -6.70 9.10
CA PHE B 108 19.76 -5.79 8.63
C PHE B 108 18.43 -6.52 8.63
N ASP B 109 17.41 -5.79 9.02
CA ASP B 109 15.98 -6.16 8.99
C ASP B 109 15.28 -5.69 7.71
N VAL B 110 15.73 -4.58 7.16
CA VAL B 110 15.00 -3.87 6.07
C VAL B 110 16.06 -3.41 5.07
N LEU B 111 15.78 -3.63 3.81
CA LEU B 111 16.56 -3.10 2.66
C LEU B 111 15.66 -2.27 1.79
N VAL B 112 16.10 -1.08 1.47
CA VAL B 112 15.41 -0.21 0.50
C VAL B 112 16.31 0.07 -0.69
N ASN B 113 15.95 -0.47 -1.81
CA ASN B 113 16.67 -0.29 -3.08
C ASN B 113 16.07 0.94 -3.76
N ASN B 114 16.59 2.10 -3.47
CA ASN B 114 16.08 3.40 -3.93
C ASN B 114 16.95 3.98 -5.04
N ALA B 115 18.28 3.83 -5.03
CA ALA B 115 19.12 4.64 -5.91
C ALA B 115 18.74 4.40 -7.37
N ALA B 116 18.86 5.44 -8.16
CA ALA B 116 18.67 5.40 -9.63
C ALA B 116 19.32 6.66 -10.23
N ASN B 117 19.31 6.73 -11.54
CA ASN B 117 19.63 7.99 -12.25
C ASN B 117 18.85 8.02 -13.55
N ASP B 118 18.01 9.03 -13.71
CA ASP B 118 17.03 9.16 -14.81
C ASP B 118 17.56 10.03 -15.96
N GLN B 119 18.87 10.11 -16.15
CA GLN B 119 19.40 10.94 -17.25
C GLN B 119 18.71 10.53 -18.57
N ARG B 120 18.27 11.51 -19.33
CA ARG B 120 17.60 11.29 -20.64
C ARG B 120 18.65 10.85 -21.67
N HIS B 121 18.22 10.07 -22.64
CA HIS B 121 19.10 9.55 -23.70
C HIS B 121 18.26 9.03 -24.86
N LYS B 122 18.77 9.12 -26.06
CA LYS B 122 18.05 8.73 -27.29
C LYS B 122 18.59 7.39 -27.77
N LEU B 123 17.71 6.50 -28.17
CA LEU B 123 18.07 5.19 -28.77
C LEU B 123 19.30 5.30 -29.67
N GLU B 124 19.24 6.19 -30.65
CA GLU B 124 20.22 6.27 -31.76
C GLU B 124 21.59 6.73 -31.24
N GLU B 125 21.67 7.29 -30.03
CA GLU B 125 22.94 7.83 -29.50
C GLU B 125 23.57 6.94 -28.41
N VAL B 126 22.87 5.89 -27.95
CA VAL B 126 23.35 5.06 -26.83
C VAL B 126 24.48 4.14 -27.31
N THR B 127 25.69 4.28 -26.72
CA THR B 127 26.77 3.35 -26.99
C THR B 127 26.67 2.12 -26.10
N LEU B 128 27.40 1.07 -26.42
CA LEU B 128 27.51 -0.11 -25.54
C LEU B 128 27.92 0.32 -24.13
N GLU B 129 28.94 1.18 -24.03
CA GLU B 129 29.48 1.59 -22.72
C GLU B 129 28.38 2.35 -21.95
N TYR B 130 27.63 3.24 -22.60
CA TYR B 130 26.55 4.00 -21.94
C TYR B 130 25.46 3.03 -21.47
N TRP B 131 25.04 2.13 -22.33
CA TRP B 131 24.00 1.13 -21.90
C TRP B 131 24.47 0.38 -20.65
N ASN B 132 25.69 -0.17 -20.70
CA ASN B 132 26.23 -0.91 -19.54
C ASN B 132 26.22 -0.01 -18.31
N ASP B 133 26.60 1.25 -18.45
CA ASP B 133 26.68 2.14 -17.26
C ASP B 133 25.29 2.42 -16.70
N ARG B 134 24.31 2.62 -17.60
CA ARG B 134 22.91 2.85 -17.16
C ARG B 134 22.43 1.66 -16.31
N ILE B 135 22.75 0.46 -16.75
CA ILE B 135 22.30 -0.77 -16.06
C ILE B 135 23.12 -0.94 -14.78
N ALA B 136 24.39 -0.55 -14.80
CA ALA B 136 25.23 -0.63 -13.59
C ALA B 136 24.70 0.28 -12.50
N ILE B 137 24.13 1.42 -12.87
CA ILE B 137 23.56 2.39 -11.89
C ILE B 137 22.17 1.95 -11.46
N ASN B 138 21.29 1.62 -12.43
CA ASN B 138 19.82 1.57 -12.21
C ASN B 138 19.33 0.17 -11.89
N GLN B 139 20.02 -0.91 -12.26
CA GLN B 139 19.48 -2.28 -12.15
C GLN B 139 20.40 -3.19 -11.32
N ARG B 140 21.68 -3.22 -11.63
CA ARG B 140 22.55 -4.23 -11.00
C ARG B 140 22.66 -4.04 -9.50
N PRO B 141 22.76 -2.82 -8.90
CA PRO B 141 23.00 -2.71 -7.47
C PRO B 141 21.93 -3.45 -6.63
N SER B 142 20.67 -3.37 -7.05
CA SER B 142 19.58 -3.96 -6.25
C SER B 142 19.81 -5.45 -5.99
N PHE B 143 20.20 -6.16 -7.03
CA PHE B 143 20.42 -7.60 -6.88
C PHE B 143 21.50 -7.90 -5.82
N PHE B 144 22.62 -7.19 -5.91
CA PHE B 144 23.78 -7.47 -5.03
C PHE B 144 23.49 -6.94 -3.64
N ALA B 145 22.65 -5.92 -3.47
CA ALA B 145 22.18 -5.46 -2.14
C ALA B 145 21.41 -6.60 -1.48
N VAL B 146 20.46 -7.21 -2.20
CA VAL B 146 19.71 -8.34 -1.64
C VAL B 146 20.70 -9.43 -1.26
N GLN B 147 21.60 -9.76 -2.16
CA GLN B 147 22.56 -10.87 -1.87
C GLN B 147 23.35 -10.61 -0.57
N SER B 148 23.73 -9.39 -0.35
CA SER B 148 24.53 -8.97 0.82
C SER B 148 23.71 -8.98 2.10
N VAL B 149 22.39 -8.79 2.10
CA VAL B 149 21.63 -8.66 3.37
C VAL B 149 20.90 -9.94 3.72
N VAL B 150 20.71 -10.86 2.78
CA VAL B 150 19.75 -11.98 3.02
C VAL B 150 20.22 -12.90 4.16
N GLU B 151 21.50 -13.20 4.30
CA GLU B 151 21.86 -14.20 5.35
C GLU B 151 21.58 -13.62 6.74
N GLY B 152 21.77 -12.33 6.91
CA GLY B 152 21.44 -11.65 8.16
C GLY B 152 19.97 -11.62 8.39
N MET B 153 19.17 -11.38 7.34
CA MET B 153 17.70 -11.37 7.51
C MET B 153 17.25 -12.75 7.93
N LYS B 154 17.85 -13.81 7.37
CA LYS B 154 17.45 -15.17 7.81
C LYS B 154 17.74 -15.33 9.30
N ARG B 155 18.88 -14.84 9.74
CA ARG B 155 19.27 -14.95 11.17
C ARG B 155 18.30 -14.16 12.03
N ARG B 156 17.80 -13.01 11.53
CA ARG B 156 16.85 -12.17 12.30
C ARG B 156 15.44 -12.77 12.27
N GLY B 157 15.18 -13.84 11.52
CA GLY B 157 13.87 -14.49 11.44
C GLY B 157 12.95 -13.85 10.41
N GLY B 158 13.51 -13.05 9.50
CA GLY B 158 12.74 -12.51 8.37
C GLY B 158 13.16 -11.10 8.11
N GLY B 159 12.43 -10.42 7.23
CA GLY B 159 12.79 -9.04 6.89
C GLY B 159 11.92 -8.53 5.78
N SER B 160 12.24 -7.33 5.32
CA SER B 160 11.41 -6.68 4.28
C SER B 160 12.32 -5.94 3.32
N ILE B 161 12.14 -6.17 2.03
CA ILE B 161 12.92 -5.60 0.94
C ILE B 161 11.94 -4.80 0.11
N ILE B 162 12.26 -3.53 -0.13
CA ILE B 162 11.48 -2.58 -0.92
C ILE B 162 12.32 -2.14 -2.11
N ASN B 163 11.84 -2.42 -3.29
CA ASN B 163 12.55 -2.10 -4.56
C ASN B 163 11.78 -1.02 -5.30
N PHE B 164 12.45 0.02 -5.75
CA PHE B 164 11.78 1.17 -6.43
C PHE B 164 11.68 0.94 -7.93
N SER B 165 10.48 1.01 -8.46
CA SER B 165 10.21 1.16 -9.90
C SER B 165 9.91 2.64 -10.19
N SER B 166 9.10 2.90 -11.19
CA SER B 166 8.78 4.26 -11.66
C SER B 166 7.54 4.19 -12.50
N ILE B 167 6.71 5.24 -12.46
CA ILE B 167 5.59 5.31 -13.43
C ILE B 167 6.11 5.49 -14.85
N SER B 168 7.36 5.84 -15.06
CA SER B 168 7.90 6.08 -16.44
C SER B 168 7.52 4.95 -17.39
N TRP B 169 7.68 3.69 -16.99
CA TRP B 169 7.44 2.57 -17.92
C TRP B 169 5.93 2.35 -18.07
N HIS B 170 5.18 2.55 -17.02
CA HIS B 170 3.72 2.49 -17.05
C HIS B 170 3.13 3.57 -17.96
N GLN B 171 3.77 4.73 -18.07
CA GLN B 171 3.34 5.88 -18.92
C GLN B 171 3.75 5.66 -20.38
N SER B 172 4.53 4.63 -20.70
CA SER B 172 5.27 4.57 -21.99
C SER B 172 6.03 5.90 -22.13
N GLY B 173 6.81 6.24 -21.12
CA GLY B 173 7.51 7.52 -21.14
C GLY B 173 8.65 7.53 -22.15
N GLY B 174 8.69 8.59 -22.97
CA GLY B 174 9.73 8.71 -23.98
C GLY B 174 10.98 9.35 -23.42
N GLY B 175 12.02 9.29 -24.22
CA GLY B 175 13.26 10.04 -23.96
C GLY B 175 14.26 9.33 -23.07
N PHE B 176 14.09 8.07 -22.67
CA PHE B 176 15.08 7.35 -21.84
C PHE B 176 14.82 5.85 -21.83
N PRO B 177 14.91 5.17 -23.00
CA PRO B 177 14.49 3.77 -23.08
C PRO B 177 15.29 2.83 -22.21
N VAL B 178 16.54 3.12 -21.86
CA VAL B 178 17.33 2.21 -20.99
C VAL B 178 16.82 2.39 -19.57
N TYR B 179 16.40 3.58 -19.22
CA TYR B 179 15.84 3.83 -17.86
C TYR B 179 14.49 3.10 -17.72
N THR B 180 13.59 3.24 -18.70
CA THR B 180 12.31 2.51 -18.62
C THR B 180 12.61 1.03 -18.54
N THR B 181 13.57 0.51 -19.31
CA THR B 181 13.94 -0.90 -19.26
C THR B 181 14.28 -1.30 -17.82
N ALA B 182 15.21 -0.55 -17.20
CA ALA B 182 15.69 -0.87 -15.86
C ALA B 182 14.57 -0.71 -14.82
N LYS B 183 13.69 0.25 -15.02
CA LYS B 183 12.60 0.46 -14.05
C LYS B 183 11.55 -0.63 -14.11
N ALA B 184 11.25 -1.15 -15.29
CA ALA B 184 10.33 -2.30 -15.44
C ALA B 184 10.98 -3.54 -14.84
N SER B 185 12.30 -3.67 -14.99
CA SER B 185 13.04 -4.86 -14.53
C SER B 185 12.82 -5.08 -13.03
N THR B 186 12.59 -4.01 -12.27
CA THR B 186 12.37 -4.10 -10.81
C THR B 186 11.24 -5.06 -10.50
N LEU B 187 10.19 -5.08 -11.32
CA LEU B 187 9.04 -5.96 -11.02
C LEU B 187 9.47 -7.41 -11.10
N GLY B 188 10.34 -7.76 -12.05
CA GLY B 188 10.84 -9.15 -12.15
C GLY B 188 11.81 -9.48 -11.03
N LEU B 189 12.62 -8.55 -10.55
CA LEU B 189 13.48 -8.80 -9.40
C LEU B 189 12.60 -9.07 -8.17
N THR B 190 11.65 -8.23 -7.95
CA THR B 190 10.75 -8.33 -6.79
C THR B 190 10.06 -9.69 -6.83
N ARG B 191 9.44 -10.04 -7.95
CA ARG B 191 8.55 -11.22 -7.96
C ARG B 191 9.35 -12.51 -7.95
N GLY B 192 10.50 -12.55 -8.62
CA GLY B 192 11.32 -13.78 -8.52
C GLY B 192 11.81 -13.94 -7.08
N LEU B 193 12.26 -12.88 -6.47
CA LEU B 193 12.79 -13.01 -5.09
C LEU B 193 11.66 -13.22 -4.09
N ALA B 194 10.46 -12.71 -4.31
CA ALA B 194 9.38 -12.95 -3.32
C ALA B 194 9.18 -14.45 -3.14
N ARG B 195 9.25 -15.18 -4.24
CA ARG B 195 9.07 -16.63 -4.18
C ARG B 195 10.27 -17.31 -3.52
N ASP B 196 11.47 -16.89 -3.88
CA ASP B 196 12.72 -17.54 -3.39
C ASP B 196 12.91 -17.26 -1.89
N LEU B 197 12.51 -16.09 -1.41
CA LEU B 197 12.83 -15.64 -0.03
C LEU B 197 11.64 -15.78 0.91
N GLY B 198 10.45 -15.94 0.37
CA GLY B 198 9.26 -16.07 1.23
C GLY B 198 9.36 -17.18 2.30
N PRO B 199 9.98 -18.33 1.99
CA PRO B 199 10.15 -19.37 3.01
C PRO B 199 10.95 -18.90 4.24
N HIS B 200 11.76 -17.87 4.10
CA HIS B 200 12.59 -17.28 5.18
C HIS B 200 11.82 -16.12 5.86
N LYS B 201 10.56 -15.89 5.49
CA LYS B 201 9.74 -14.77 6.06
C LYS B 201 10.32 -13.43 5.63
N ILE B 202 10.90 -13.42 4.46
CA ILE B 202 11.38 -12.15 3.88
C ILE B 202 10.37 -11.71 2.81
N ARG B 203 9.83 -10.54 3.00
CA ARG B 203 8.84 -9.92 2.09
C ARG B 203 9.65 -9.11 1.08
N VAL B 204 9.16 -9.08 -0.15
CA VAL B 204 9.78 -8.33 -1.24
C VAL B 204 8.66 -7.63 -2.01
N ASN B 205 8.68 -6.31 -2.07
CA ASN B 205 7.61 -5.53 -2.72
C ASN B 205 8.26 -4.45 -3.58
N THR B 206 7.50 -4.00 -4.56
CA THR B 206 7.86 -2.87 -5.43
C THR B 206 7.12 -1.63 -4.97
N VAL B 207 7.81 -0.50 -4.89
CA VAL B 207 7.20 0.85 -4.73
C VAL B 207 7.44 1.66 -5.98
N THR B 208 6.37 2.22 -6.52
CA THR B 208 6.38 2.93 -7.82
C THR B 208 5.92 4.34 -7.63
N PRO B 209 6.85 5.30 -7.57
CA PRO B 209 6.47 6.70 -7.49
C PRO B 209 5.93 7.27 -8.80
N GLY B 210 5.03 8.22 -8.65
CA GLY B 210 4.65 9.20 -9.67
C GLY B 210 5.74 10.22 -9.85
N TRP B 211 5.37 11.39 -10.34
CA TRP B 211 6.35 12.44 -10.60
C TRP B 211 6.57 13.25 -9.34
N VAL B 212 7.58 12.86 -8.59
CA VAL B 212 7.87 13.40 -7.24
C VAL B 212 8.69 14.67 -7.40
N MET B 213 8.23 15.75 -6.75
CA MET B 213 8.90 17.06 -6.83
C MET B 213 10.12 17.12 -5.90
N THR B 214 11.14 16.31 -6.17
CA THR B 214 12.46 16.46 -5.55
C THR B 214 13.09 17.72 -6.13
N GLU B 215 14.09 18.23 -5.44
CA GLU B 215 14.90 19.36 -6.02
C GLU B 215 15.46 18.96 -7.39
N ARG B 216 16.04 17.78 -7.54
CA ARG B 216 16.63 17.33 -8.83
C ARG B 216 15.55 17.32 -9.91
N GLN B 217 14.35 16.79 -9.67
CA GLN B 217 13.32 16.76 -10.73
C GLN B 217 12.97 18.18 -11.14
N ILE B 218 12.73 19.04 -10.17
CA ILE B 218 12.30 20.44 -10.46
C ILE B 218 13.40 21.09 -11.29
N LYS B 219 14.66 20.96 -10.86
CA LYS B 219 15.74 21.73 -11.52
C LYS B 219 16.15 21.11 -12.85
N LEU B 220 16.15 19.79 -13.01
CA LEU B 220 16.62 19.19 -14.29
C LEU B 220 15.50 19.14 -15.33
N TRP B 221 14.30 18.71 -14.95
CA TRP B 221 13.32 18.17 -15.91
C TRP B 221 12.04 19.01 -15.94
N LEU B 222 11.77 19.92 -15.00
CA LEU B 222 10.46 20.61 -14.95
C LEU B 222 10.51 21.92 -15.74
N ASP B 223 9.47 22.10 -16.55
CA ASP B 223 9.17 23.36 -17.29
C ASP B 223 7.65 23.59 -17.26
N GLU B 224 7.19 24.66 -17.88
CA GLU B 224 5.75 25.03 -17.81
C GLU B 224 4.88 23.93 -18.45
N GLU B 225 5.32 23.31 -19.54
CA GLU B 225 4.62 22.16 -20.16
C GLU B 225 4.51 21.01 -19.15
N GLY B 226 5.61 20.71 -18.43
CA GLY B 226 5.62 19.63 -17.42
C GLY B 226 4.62 19.94 -16.33
N LYS B 227 4.51 21.20 -15.90
CA LYS B 227 3.51 21.59 -14.88
C LYS B 227 2.09 21.33 -15.40
N LYS B 228 1.83 21.64 -16.67
CA LYS B 228 0.50 21.33 -17.28
C LYS B 228 0.26 19.82 -17.39
N ALA B 229 1.27 19.03 -17.74
CA ALA B 229 1.16 17.57 -17.82
C ALA B 229 0.83 17.04 -16.43
N ILE B 230 1.47 17.54 -15.38
CA ILE B 230 1.17 17.05 -14.01
C ILE B 230 -0.30 17.34 -13.69
N ALA B 231 -0.77 18.54 -13.98
CA ALA B 231 -2.15 18.94 -13.67
C ALA B 231 -3.17 18.13 -14.46
N ARG B 232 -2.93 17.83 -15.72
CA ARG B 232 -3.88 17.05 -16.55
C ARG B 232 -3.88 15.61 -16.04
N ASN B 233 -2.72 15.08 -15.67
CA ASN B 233 -2.63 13.63 -15.46
C ASN B 233 -2.89 13.21 -14.03
N GLN B 234 -2.45 13.96 -13.04
CA GLN B 234 -2.77 13.60 -11.65
C GLN B 234 -4.27 13.76 -11.40
N CYS B 235 -4.87 12.82 -10.68
CA CYS B 235 -6.27 12.97 -10.22
C CYS B 235 -6.30 13.95 -9.04
N LEU B 236 -5.33 13.92 -8.12
CA LEU B 236 -5.20 14.85 -6.98
C LEU B 236 -4.26 15.95 -7.42
N GLN B 237 -4.67 17.19 -7.19
CA GLN B 237 -3.83 18.33 -7.57
C GLN B 237 -2.78 18.55 -6.47
N GLY B 238 -1.67 19.15 -6.85
CA GLY B 238 -0.65 19.53 -5.86
C GLY B 238 0.55 18.60 -6.00
N ASP B 239 1.60 18.90 -5.27
CA ASP B 239 2.91 18.23 -5.43
C ASP B 239 2.87 16.87 -4.74
N LEU B 240 3.26 15.86 -5.50
CA LEU B 240 3.73 14.57 -4.94
C LEU B 240 5.13 14.82 -4.40
N LEU B 241 5.34 14.46 -3.14
CA LEU B 241 6.57 14.85 -2.42
C LEU B 241 7.30 13.64 -1.90
N PRO B 242 8.60 13.79 -1.61
CA PRO B 242 9.37 12.67 -1.09
C PRO B 242 8.70 12.04 0.14
N TRP B 243 8.11 12.83 1.04
CA TRP B 243 7.59 12.23 2.27
C TRP B 243 6.44 11.28 1.95
N HIS B 244 5.66 11.53 0.89
CA HIS B 244 4.57 10.60 0.52
C HIS B 244 5.16 9.23 0.25
N LEU B 245 6.26 9.19 -0.46
CA LEU B 245 6.86 7.88 -0.78
C LEU B 245 7.42 7.26 0.47
N ALA B 246 8.02 8.07 1.33
CA ALA B 246 8.60 7.55 2.55
C ALA B 246 7.55 6.83 3.39
N ARG B 247 6.33 7.35 3.45
CA ARG B 247 5.31 6.74 4.32
C ARG B 247 4.96 5.34 3.81
N MET B 248 4.99 5.16 2.49
CA MET B 248 4.63 3.83 1.93
C MET B 248 5.73 2.85 2.27
N VAL B 249 6.99 3.28 2.21
CA VAL B 249 8.14 2.42 2.52
C VAL B 249 8.11 2.03 4.00
N LEU B 250 7.79 2.95 4.90
CA LEU B 250 7.65 2.62 6.36
C LEU B 250 6.61 1.53 6.54
N PHE B 251 5.45 1.72 5.91
CA PHE B 251 4.35 0.74 6.04
C PHE B 251 4.83 -0.66 5.64
N LEU B 252 5.50 -0.76 4.48
CA LEU B 252 5.97 -2.03 3.91
C LEU B 252 7.11 -2.62 4.75
N ALA B 253 7.77 -1.83 5.59
CA ALA B 253 8.85 -2.35 6.44
C ALA B 253 8.33 -2.74 7.83
N ALA B 254 7.19 -2.23 8.27
CA ALA B 254 6.62 -2.45 9.61
C ALA B 254 5.81 -3.74 9.69
N ASP B 255 5.56 -4.17 10.91
CA ASP B 255 4.85 -5.45 11.15
C ASP B 255 3.43 -5.35 10.55
N ASP B 256 2.92 -4.14 10.37
CA ASP B 256 1.55 -3.92 9.84
C ASP B 256 1.41 -4.54 8.46
N SER B 257 2.50 -4.77 7.72
CA SER B 257 2.45 -5.29 6.33
C SER B 257 3.05 -6.68 6.22
N ALA B 258 2.92 -7.46 7.28
CA ALA B 258 3.61 -8.76 7.41
C ALA B 258 3.19 -9.79 6.36
N MET B 259 2.04 -9.62 5.73
CA MET B 259 1.64 -10.56 4.67
C MET B 259 1.49 -9.90 3.31
N CYS B 260 2.16 -8.78 3.10
CA CYS B 260 2.34 -8.18 1.78
C CYS B 260 3.63 -8.72 1.19
N THR B 261 3.55 -9.31 0.01
CA THR B 261 4.77 -9.68 -0.75
C THR B 261 4.39 -9.84 -2.22
N ALA B 262 5.39 -9.58 -3.06
CA ALA B 262 5.42 -9.74 -4.52
C ALA B 262 4.77 -8.57 -5.25
N GLN B 263 4.13 -7.62 -4.56
CA GLN B 263 3.19 -6.69 -5.20
C GLN B 263 3.80 -5.31 -5.40
N GLU B 264 3.13 -4.58 -6.27
CA GLU B 264 3.48 -3.20 -6.64
C GLU B 264 2.56 -2.21 -5.92
N PHE B 265 3.16 -1.24 -5.24
CA PHE B 265 2.44 -0.20 -4.49
C PHE B 265 2.76 1.12 -5.21
N ILE B 266 1.73 1.66 -5.85
CA ILE B 266 1.89 2.85 -6.70
C ILE B 266 1.44 4.08 -5.91
N VAL B 267 2.34 5.06 -5.78
CA VAL B 267 2.14 6.31 -5.00
C VAL B 267 2.33 7.46 -5.98
N ASP B 268 1.26 7.86 -6.67
CA ASP B 268 1.41 8.64 -7.91
C ASP B 268 0.33 9.69 -8.08
N ALA B 269 -0.47 9.95 -7.07
CA ALA B 269 -1.57 10.95 -7.16
C ALA B 269 -2.49 10.64 -8.36
N GLY B 270 -2.60 9.39 -8.81
CA GLY B 270 -3.58 8.96 -9.80
C GLY B 270 -3.13 9.08 -11.25
N TRP B 271 -1.87 9.23 -11.53
CA TRP B 271 -1.38 9.39 -12.93
C TRP B 271 -1.69 8.13 -13.76
N VAL B 272 -1.22 6.95 -13.31
CA VAL B 272 -1.24 5.77 -14.22
C VAL B 272 -2.26 4.75 -13.75
PA NAD C . -18.02 -12.09 4.39
O1A NAD C . -19.05 -12.68 3.46
O2A NAD C . -17.31 -12.98 5.36
O5B NAD C . -18.60 -10.83 5.19
C5B NAD C . -19.41 -9.86 4.52
C4B NAD C . -20.16 -9.09 5.57
O4B NAD C . -21.11 -8.27 4.87
C3B NAD C . -20.92 -9.93 6.59
O3B NAD C . -20.85 -9.41 7.90
C2B NAD C . -22.34 -9.93 6.00
O2B NAD C . -23.37 -10.15 6.94
C1B NAD C . -22.41 -8.56 5.34
N9A NAD C . -23.40 -8.56 4.27
C8A NAD C . -23.55 -9.47 3.24
N7A NAD C . -24.63 -9.26 2.53
C5A NAD C . -25.23 -8.15 3.09
C6A NAD C . -26.40 -7.42 2.79
N6A NAD C . -27.26 -7.76 1.82
N1A NAD C . -26.66 -6.34 3.55
C2A NAD C . -25.84 -6.05 4.58
N3A NAD C . -24.73 -6.67 4.97
C4A NAD C . -24.47 -7.71 4.17
O3 NAD C . -16.86 -11.40 3.51
PN NAD C . -15.30 -11.11 3.80
O1N NAD C . -14.55 -12.39 3.52
O2N NAD C . -15.19 -10.55 5.22
O5D NAD C . -14.96 -10.08 2.67
C5D NAD C . -14.94 -8.66 2.84
C4D NAD C . -14.45 -8.12 1.51
O4D NAD C . -13.18 -8.77 1.16
C3D NAD C . -15.40 -8.42 0.34
O3D NAD C . -15.49 -7.32 -0.55
C2D NAD C . -14.78 -9.65 -0.30
O2D NAD C . -15.21 -9.80 -1.66
C1D NAD C . -13.31 -9.31 -0.12
N1N NAD C . -12.44 -10.51 -0.25
C2N NAD C . -12.43 -11.44 0.75
C3N NAD C . -11.61 -12.53 0.65
C7N NAD C . -11.52 -13.63 1.67
O7N NAD C . -10.79 -14.59 1.42
N7N NAD C . -12.24 -13.54 2.79
C4N NAD C . -10.79 -12.67 -0.54
C5N NAD C . -10.76 -11.68 -1.47
C6N NAD C . -11.68 -10.66 -1.38
C1 PEG D . -23.45 16.51 13.98
O1 PEG D . -24.29 17.64 13.97
C2 PEG D . -23.15 16.04 15.37
O2 PEG D . -21.79 16.33 15.69
C3 PEG D . -21.15 15.27 16.38
C4 PEG D . -19.80 15.72 16.83
O4 PEG D . -19.62 17.10 16.65
PA NAD E . 17.63 10.94 -7.61
O1A NAD E . 18.39 10.70 -8.86
O2A NAD E . 17.18 12.32 -7.29
O5B NAD E . 18.43 10.38 -6.34
C5B NAD E . 19.07 9.10 -6.37
C4B NAD E . 20.08 9.05 -5.26
O4B NAD E . 20.98 7.95 -5.58
C3B NAD E . 20.96 10.31 -5.14
O3B NAD E . 21.17 10.74 -3.79
C2B NAD E . 22.23 9.92 -5.90
O2B NAD E . 23.42 10.64 -5.55
C1B NAD E . 22.31 8.42 -5.61
N9A NAD E . 23.06 7.72 -6.64
C8A NAD E . 22.96 7.81 -8.00
N7A NAD E . 23.89 7.12 -8.64
C5A NAD E . 24.66 6.57 -7.63
C6A NAD E . 25.79 5.73 -7.65
N6A NAD E . 26.41 5.34 -8.77
N1A NAD E . 26.29 5.37 -6.46
C2A NAD E . 25.69 5.79 -5.34
N3A NAD E . 24.61 6.57 -5.19
C4A NAD E . 24.15 6.92 -6.40
O3 NAD E . 16.37 9.94 -7.59
PN NAD E . 14.94 10.06 -6.87
O1N NAD E . 14.07 10.94 -7.71
O2N NAD E . 15.12 10.42 -5.38
O5D NAD E . 14.34 8.59 -7.06
C5D NAD E . 14.47 7.57 -6.07
C4D NAD E . 13.86 6.35 -6.68
O4D NAD E . 12.49 6.64 -7.09
C3D NAD E . 14.56 5.84 -7.94
O3D NAD E . 14.56 4.43 -7.95
C2D NAD E . 13.70 6.43 -9.06
O2D NAD E . 13.90 5.65 -10.23
C1D NAD E . 12.33 6.32 -8.40
N1N NAD E . 11.40 7.26 -9.02
C2N NAD E . 11.49 8.63 -8.80
C3N NAD E . 10.62 9.47 -9.45
C7N NAD E . 10.66 10.96 -9.30
O7N NAD E . 9.82 11.60 -9.93
N7N NAD E . 11.57 11.51 -8.51
C4N NAD E . 9.63 8.93 -10.32
C5N NAD E . 9.47 7.59 -10.41
C6N NAD E . 10.44 6.78 -9.88
#